data_5RYV
#
_entry.id   5RYV
#
_cell.length_a   38.530
_cell.length_b   77.340
_cell.length_c   99.560
_cell.angle_alpha   90.000
_cell.angle_beta   90.000
_cell.angle_gamma   90.000
#
_symmetry.space_group_name_H-M   'P 21 21 21'
#
loop_
_entity.id
_entity.type
_entity.pdbx_description
1 polymer 'Isoform 2 of Band 4.1-like protein 3'
2 non-polymer 3-fluoro-N-[(oxan-4-yl)methyl]pyridin-2-amine
3 non-polymer 'DIMETHYL SULFOXIDE'
4 non-polymer 1,2-ETHANEDIOL
5 water water
#
_entity_poly.entity_id   1
_entity_poly.type   'polypeptide(L)'
_entity_poly.pdbx_seq_one_letter_code
;SMPKSMQCKVILLDGSEYTCDVEKRSRGQVLFDKVCEHLNLLEKDYFGLTYRDAENQKNWLDPAKEIKKQVRSGAWHFSF
NVKFYPPDPAQLSEDITRYYLCLQLRDDIVSGRLPCSFVTLALLGSYTVQSELGDYDPDECGSDYISEFRFAPNHTKELE
DKVIELHKSHRGMTPAEAEMHFLENAKKLSMYGVDLHHAKDSEGVEIMLGVCASGLLIYRDRLRINRFAWPKVLKISYKR
NNFYIKIRPGEFEQFESTIGFKLPNHRAAKRLWKVCVEHHTFFRLL
;
_entity_poly.pdbx_strand_id   A
#
loop_
_chem_comp.id
_chem_comp.type
_chem_comp.name
_chem_comp.formula
DMS non-polymer 'DIMETHYL SULFOXIDE' 'C2 H6 O S'
EDO non-polymer 1,2-ETHANEDIOL 'C2 H6 O2'
WGS non-polymer 3-fluoro-N-[(oxan-4-yl)methyl]pyridin-2-amine 'C11 H15 F N2 O'
#
# COMPACT_ATOMS: atom_id res chain seq x y z
N PRO A 3 -28.96 -17.29 -14.21
CA PRO A 3 -27.65 -16.62 -14.16
C PRO A 3 -26.87 -17.02 -12.89
N LYS A 4 -25.75 -17.74 -13.06
CA LYS A 4 -25.06 -18.37 -11.90
C LYS A 4 -24.13 -17.37 -11.23
N SER A 5 -24.24 -17.25 -9.90
N SER A 5 -24.30 -17.23 -9.91
CA SER A 5 -23.50 -16.24 -9.09
CA SER A 5 -23.53 -16.29 -9.04
C SER A 5 -22.53 -16.93 -8.12
C SER A 5 -22.42 -17.05 -8.34
N MET A 6 -21.35 -16.35 -7.97
CA MET A 6 -20.27 -16.88 -7.09
C MET A 6 -20.24 -16.00 -5.85
N GLN A 7 -20.10 -16.61 -4.69
CA GLN A 7 -19.95 -15.89 -3.41
C GLN A 7 -18.53 -15.31 -3.33
N CYS A 8 -18.41 -14.02 -3.02
CA CYS A 8 -17.10 -13.35 -2.83
C CYS A 8 -16.95 -12.96 -1.38
N LYS A 9 -15.78 -13.20 -0.78
CA LYS A 9 -15.47 -12.71 0.57
C LYS A 9 -14.29 -11.73 0.49
N VAL A 10 -14.50 -10.55 1.06
CA VAL A 10 -13.50 -9.45 1.00
C VAL A 10 -13.12 -9.07 2.41
N ILE A 11 -11.84 -9.13 2.72
CA ILE A 11 -11.31 -8.63 4.01
C ILE A 11 -11.16 -7.11 3.85
N LEU A 12 -11.89 -6.38 4.68
CA LEU A 12 -11.87 -4.91 4.69
C LEU A 12 -10.73 -4.40 5.57
N LEU A 13 -10.42 -3.12 5.47
CA LEU A 13 -9.20 -2.61 6.11
C LEU A 13 -9.36 -2.53 7.63
N ASP A 14 -10.61 -2.60 8.15
CA ASP A 14 -10.86 -2.65 9.62
C ASP A 14 -10.77 -4.11 10.10
N GLY A 15 -10.41 -5.06 9.24
CA GLY A 15 -10.25 -6.50 9.58
C GLY A 15 -11.54 -7.29 9.43
N SER A 16 -12.66 -6.64 9.14
CA SER A 16 -13.98 -7.29 9.00
C SER A 16 -14.11 -7.88 7.58
N GLU A 17 -15.11 -8.73 7.39
CA GLU A 17 -15.35 -9.54 6.16
C GLU A 17 -16.65 -9.05 5.53
N TYR A 18 -16.60 -8.63 4.27
CA TYR A 18 -17.80 -8.33 3.46
C TYR A 18 -18.00 -9.51 2.51
N THR A 19 -19.24 -10.02 2.44
CA THR A 19 -19.65 -11.11 1.56
C THR A 19 -20.68 -10.56 0.57
N CYS A 20 -20.53 -10.88 -0.70
CA CYS A 20 -21.53 -10.55 -1.74
C CYS A 20 -21.46 -11.61 -2.82
N ASP A 21 -22.34 -11.49 -3.79
CA ASP A 21 -22.41 -12.43 -4.91
C ASP A 21 -22.24 -11.60 -6.17
N VAL A 22 -21.52 -12.13 -7.13
CA VAL A 22 -21.47 -11.61 -8.52
C VAL A 22 -21.70 -12.76 -9.48
N GLU A 23 -22.22 -12.46 -10.67
CA GLU A 23 -22.38 -13.46 -11.75
C GLU A 23 -20.98 -14.05 -12.03
N LYS A 24 -20.88 -15.35 -12.31
CA LYS A 24 -19.57 -16.06 -12.30
C LYS A 24 -18.64 -15.53 -13.41
N ARG A 25 -19.17 -14.94 -14.51
CA ARG A 25 -18.35 -14.36 -15.61
C ARG A 25 -18.10 -12.86 -15.36
N SER A 26 -18.36 -12.35 -14.17
CA SER A 26 -18.14 -10.93 -13.82
C SER A 26 -16.66 -10.51 -13.98
N ARG A 27 -16.47 -9.26 -14.41
CA ARG A 27 -15.16 -8.56 -14.40
C ARG A 27 -14.88 -8.07 -12.98
N GLY A 28 -13.61 -7.87 -12.64
CA GLY A 28 -13.21 -7.40 -11.31
C GLY A 28 -13.91 -6.10 -10.92
N GLN A 29 -14.15 -5.19 -11.89
CA GLN A 29 -14.79 -3.88 -11.60
C GLN A 29 -16.14 -4.11 -10.90
N VAL A 30 -16.88 -5.14 -11.31
CA VAL A 30 -18.24 -5.41 -10.75
C VAL A 30 -18.13 -5.58 -9.23
N LEU A 31 -17.23 -6.46 -8.78
CA LEU A 31 -17.03 -6.70 -7.34
C LEU A 31 -16.47 -5.46 -6.65
N PHE A 32 -15.50 -4.83 -7.25
CA PHE A 32 -14.89 -3.61 -6.68
C PHE A 32 -15.98 -2.54 -6.45
N ASP A 33 -16.88 -2.33 -7.40
CA ASP A 33 -17.95 -1.29 -7.28
C ASP A 33 -18.82 -1.67 -6.08
N LYS A 34 -19.22 -2.94 -5.93
CA LYS A 34 -20.02 -3.39 -4.76
C LYS A 34 -19.27 -3.08 -3.46
N VAL A 35 -17.97 -3.37 -3.39
CA VAL A 35 -17.23 -3.14 -2.12
C VAL A 35 -17.19 -1.63 -1.81
N CYS A 36 -16.85 -0.82 -2.80
CA CYS A 36 -16.75 0.65 -2.64
C CYS A 36 -18.10 1.23 -2.24
N GLU A 37 -19.21 0.78 -2.83
CA GLU A 37 -20.55 1.27 -2.40
C GLU A 37 -20.75 0.91 -0.94
N HIS A 38 -20.42 -0.32 -0.52
CA HIS A 38 -20.50 -0.77 0.88
C HIS A 38 -19.70 0.20 1.77
N LEU A 39 -18.54 0.63 1.30
CA LEU A 39 -17.62 1.46 2.12
C LEU A 39 -18.02 2.94 2.03
N ASN A 40 -19.00 3.31 1.19
CA ASN A 40 -19.34 4.75 0.96
C ASN A 40 -18.11 5.50 0.41
N LEU A 41 -17.35 4.84 -0.45
CA LEU A 41 -16.10 5.37 -1.02
C LEU A 41 -16.37 5.85 -2.44
N LEU A 42 -16.12 7.14 -2.67
CA LEU A 42 -16.24 7.80 -4.00
C LEU A 42 -14.90 7.91 -4.70
N GLU A 43 -13.82 8.21 -3.96
CA GLU A 43 -12.50 8.42 -4.56
C GLU A 43 -11.86 7.05 -4.73
N LYS A 44 -12.42 6.25 -5.61
CA LYS A 44 -12.09 4.81 -5.74
C LYS A 44 -10.75 4.56 -6.47
N ASP A 45 -10.25 5.54 -7.23
CA ASP A 45 -9.07 5.36 -8.13
C ASP A 45 -7.81 4.94 -7.37
N TYR A 46 -7.69 5.28 -6.08
CA TYR A 46 -6.49 4.96 -5.26
C TYR A 46 -6.51 3.51 -4.79
N PHE A 47 -7.63 2.79 -4.93
CA PHE A 47 -7.83 1.49 -4.24
C PHE A 47 -7.98 0.34 -5.26
N GLY A 48 -7.92 -0.88 -4.75
CA GLY A 48 -8.10 -2.09 -5.55
C GLY A 48 -8.35 -3.27 -4.63
N LEU A 49 -8.59 -4.41 -5.25
CA LEU A 49 -8.74 -5.70 -4.53
C LEU A 49 -7.52 -6.55 -4.87
N THR A 50 -7.04 -7.29 -3.88
CA THR A 50 -5.95 -8.24 -4.07
C THR A 50 -6.52 -9.61 -3.81
N TYR A 51 -5.87 -10.63 -4.36
CA TYR A 51 -6.11 -12.05 -4.00
C TYR A 51 -4.75 -12.71 -3.72
N ARG A 52 -4.78 -13.86 -3.06
CA ARG A 52 -3.58 -14.70 -2.81
C ARG A 52 -3.62 -15.90 -3.74
N ASP A 53 -2.51 -16.20 -4.42
CA ASP A 53 -2.38 -17.37 -5.32
C ASP A 53 -1.91 -18.58 -4.50
N ALA A 54 -1.53 -19.65 -5.20
CA ALA A 54 -1.07 -20.96 -4.66
C ALA A 54 0.00 -20.76 -3.57
N GLU A 55 0.97 -19.86 -3.78
CA GLU A 55 2.12 -19.70 -2.85
C GLU A 55 1.90 -18.50 -1.90
N ASN A 56 0.63 -18.08 -1.74
CA ASN A 56 0.19 -17.00 -0.82
C ASN A 56 0.84 -15.67 -1.22
N GLN A 57 1.05 -15.45 -2.52
CA GLN A 57 1.56 -14.16 -3.05
C GLN A 57 0.36 -13.29 -3.44
N LYS A 58 0.46 -11.98 -3.19
CA LYS A 58 -0.61 -11.00 -3.51
C LYS A 58 -0.54 -10.65 -4.99
N ASN A 59 -1.69 -10.64 -5.66
CA ASN A 59 -1.87 -10.10 -7.02
C ASN A 59 -3.04 -9.10 -7.00
N TRP A 60 -2.90 -8.01 -7.75
CA TRP A 60 -4.01 -7.05 -7.93
C TRP A 60 -5.06 -7.74 -8.80
N LEU A 61 -6.33 -7.68 -8.40
CA LEU A 61 -7.43 -8.13 -9.26
C LEU A 61 -7.59 -7.08 -10.36
N ASP A 62 -7.42 -7.48 -11.62
CA ASP A 62 -7.56 -6.52 -12.75
C ASP A 62 -9.04 -6.25 -12.95
N PRO A 63 -9.52 -5.00 -12.78
CA PRO A 63 -10.94 -4.72 -12.85
C PRO A 63 -11.53 -4.95 -14.25
N ALA A 64 -10.68 -4.91 -15.27
CA ALA A 64 -11.10 -5.04 -16.68
C ALA A 64 -11.19 -6.51 -17.11
N LYS A 65 -10.70 -7.46 -16.30
CA LYS A 65 -10.69 -8.88 -16.70
C LYS A 65 -11.65 -9.71 -15.85
N GLU A 66 -12.08 -10.84 -16.38
CA GLU A 66 -12.97 -11.74 -15.62
C GLU A 66 -12.28 -12.14 -14.30
N ILE A 67 -13.04 -12.17 -13.22
CA ILE A 67 -12.54 -12.62 -11.89
C ILE A 67 -12.06 -14.07 -12.02
N LYS A 68 -12.87 -14.90 -12.71
CA LYS A 68 -12.57 -16.36 -12.78
C LYS A 68 -11.25 -16.60 -13.49
N LYS A 69 -10.86 -15.79 -14.47
CA LYS A 69 -9.59 -16.00 -15.22
C LYS A 69 -8.40 -15.49 -14.43
N GLN A 70 -8.62 -14.89 -13.27
CA GLN A 70 -7.53 -14.41 -12.40
C GLN A 70 -7.41 -15.36 -11.22
N VAL A 71 -8.50 -15.63 -10.50
CA VAL A 71 -8.40 -16.46 -9.26
C VAL A 71 -8.20 -17.92 -9.71
N ARG A 72 -8.68 -18.24 -10.91
CA ARG A 72 -8.45 -19.53 -11.65
C ARG A 72 -8.92 -20.66 -10.75
N SER A 73 -8.00 -21.37 -10.10
CA SER A 73 -8.32 -22.57 -9.30
C SER A 73 -8.58 -22.16 -7.86
N GLY A 74 -8.24 -20.92 -7.47
CA GLY A 74 -8.30 -20.47 -6.06
C GLY A 74 -9.70 -20.05 -5.62
N ALA A 75 -9.82 -19.82 -4.33
CA ALA A 75 -11.05 -19.37 -3.65
C ALA A 75 -11.34 -17.93 -4.09
N TRP A 76 -12.60 -17.52 -4.06
CA TRP A 76 -12.99 -16.13 -4.39
C TRP A 76 -12.93 -15.30 -3.10
N HIS A 77 -11.71 -15.16 -2.61
CA HIS A 77 -11.36 -14.47 -1.36
C HIS A 77 -10.41 -13.33 -1.75
N PHE A 78 -10.68 -12.16 -1.23
CA PHE A 78 -9.95 -10.94 -1.66
C PHE A 78 -9.69 -10.07 -0.45
N SER A 79 -8.79 -9.10 -0.59
CA SER A 79 -8.62 -7.99 0.38
C SER A 79 -8.84 -6.68 -0.34
N PHE A 80 -9.36 -5.70 0.37
CA PHE A 80 -9.51 -4.31 -0.09
C PHE A 80 -8.28 -3.53 0.36
N ASN A 81 -7.60 -2.88 -0.57
CA ASN A 81 -6.29 -2.27 -0.26
C ASN A 81 -6.12 -0.95 -1.00
N VAL A 82 -5.22 -0.16 -0.47
CA VAL A 82 -4.69 1.01 -1.23
C VAL A 82 -3.76 0.45 -2.29
N LYS A 83 -3.96 0.88 -3.54
CA LYS A 83 -3.11 0.50 -4.68
C LYS A 83 -2.15 1.62 -4.98
N PHE A 84 -2.64 2.84 -5.04
CA PHE A 84 -1.84 4.04 -5.36
C PHE A 84 -1.84 5.00 -4.17
N TYR A 85 -0.71 5.12 -3.48
CA TYR A 85 -0.66 5.93 -2.23
C TYR A 85 -0.50 7.40 -2.65
N PRO A 86 -1.47 8.28 -2.34
CA PRO A 86 -1.37 9.67 -2.81
C PRO A 86 -0.19 10.35 -2.17
N PRO A 87 0.69 11.03 -2.93
CA PRO A 87 1.83 11.71 -2.30
C PRO A 87 1.36 12.87 -1.42
N ASP A 88 0.19 13.43 -1.68
CA ASP A 88 -0.32 14.55 -0.83
C ASP A 88 -1.75 14.27 -0.44
N PRO A 89 -1.93 13.50 0.66
CA PRO A 89 -3.28 13.09 1.05
C PRO A 89 -4.19 14.28 1.38
N ALA A 90 -3.64 15.45 1.71
CA ALA A 90 -4.46 16.66 1.98
C ALA A 90 -5.23 17.06 0.73
N GLN A 91 -4.78 16.62 -0.44
CA GLN A 91 -5.45 17.04 -1.72
C GLN A 91 -6.58 16.08 -2.04
N LEU A 92 -6.76 14.98 -1.28
CA LEU A 92 -7.95 14.11 -1.52
C LEU A 92 -9.20 14.91 -1.21
N SER A 93 -10.30 14.68 -1.93
CA SER A 93 -11.51 15.50 -1.74
C SER A 93 -12.28 15.10 -0.49
N GLU A 94 -12.21 13.83 -0.03
CA GLU A 94 -13.10 13.38 1.05
C GLU A 94 -12.30 12.86 2.24
N ASP A 95 -12.79 13.20 3.42
CA ASP A 95 -12.31 12.68 4.70
C ASP A 95 -12.40 11.14 4.65
N ILE A 96 -13.45 10.55 4.09
CA ILE A 96 -13.59 9.08 4.21
C ILE A 96 -12.46 8.40 3.43
N THR A 97 -11.96 9.05 2.37
CA THR A 97 -10.84 8.51 1.59
C THR A 97 -9.61 8.47 2.47
N ARG A 98 -9.36 9.58 3.19
CA ARG A 98 -8.18 9.71 4.06
C ARG A 98 -8.28 8.67 5.18
N TYR A 99 -9.50 8.41 5.65
CA TYR A 99 -9.78 7.40 6.71
C TYR A 99 -9.33 6.02 6.24
N TYR A 100 -9.77 5.56 5.07
CA TYR A 100 -9.33 4.25 4.55
C TYR A 100 -7.83 4.25 4.34
N LEU A 101 -7.24 5.37 3.87
CA LEU A 101 -5.79 5.43 3.68
C LEU A 101 -5.07 5.25 5.03
N CYS A 102 -5.61 5.86 6.10
CA CYS A 102 -5.09 5.68 7.48
C CYS A 102 -5.18 4.20 7.85
N LEU A 103 -6.31 3.56 7.62
CA LEU A 103 -6.42 2.13 8.03
C LEU A 103 -5.35 1.32 7.29
N GLN A 104 -5.17 1.55 5.99
CA GLN A 104 -4.15 0.78 5.22
C GLN A 104 -2.77 1.01 5.85
N LEU A 105 -2.43 2.27 6.11
CA LEU A 105 -1.12 2.64 6.65
C LEU A 105 -0.90 2.03 8.04
N ARG A 106 -1.93 1.98 8.87
CA ARG A 106 -1.79 1.30 10.19
C ARG A 106 -1.35 -0.16 9.99
N ASP A 107 -1.89 -0.84 8.98
CA ASP A 107 -1.52 -2.26 8.69
C ASP A 107 -0.13 -2.31 8.09
N ASP A 108 0.21 -1.35 7.25
CA ASP A 108 1.57 -1.22 6.69
C ASP A 108 2.57 -1.13 7.85
N ILE A 109 2.23 -0.39 8.90
CA ILE A 109 3.14 -0.15 10.02
C ILE A 109 3.21 -1.42 10.86
N VAL A 110 2.08 -1.97 11.28
CA VAL A 110 2.04 -3.12 12.23
C VAL A 110 2.76 -4.32 11.57
N SER A 111 2.59 -4.45 10.26
CA SER A 111 3.15 -5.54 9.44
C SER A 111 4.67 -5.38 9.28
N GLY A 112 5.20 -4.18 9.46
CA GLY A 112 6.62 -3.86 9.21
C GLY A 112 6.93 -3.57 7.76
N ARG A 113 5.94 -3.52 6.87
CA ARG A 113 6.15 -3.05 5.47
C ARG A 113 6.55 -1.58 5.45
N LEU A 114 6.14 -0.79 6.44
CA LEU A 114 6.46 0.64 6.52
C LEU A 114 7.28 0.92 7.77
N PRO A 115 8.62 0.88 7.69
CA PRO A 115 9.43 1.07 8.87
C PRO A 115 9.24 2.49 9.38
N CYS A 116 9.42 2.64 10.69
N CYS A 116 9.19 2.61 10.71
CA CYS A 116 9.06 3.85 11.44
CA CYS A 116 9.06 3.89 11.45
C CYS A 116 9.89 3.94 12.72
C CYS A 116 10.06 3.92 12.60
N SER A 117 10.44 5.12 13.02
CA SER A 117 11.16 5.39 14.28
C SER A 117 10.18 5.21 15.45
N PHE A 118 10.72 4.98 16.63
CA PHE A 118 9.97 4.96 17.89
C PHE A 118 9.05 6.17 18.00
N VAL A 119 9.61 7.37 17.83
CA VAL A 119 8.82 8.60 18.02
C VAL A 119 7.70 8.68 16.99
N THR A 120 7.97 8.35 15.74
CA THR A 120 6.91 8.38 14.71
C THR A 120 5.86 7.30 15.00
N LEU A 121 6.25 6.10 15.41
CA LEU A 121 5.26 5.06 15.83
C LEU A 121 4.34 5.66 16.90
N ALA A 122 4.89 6.30 17.93
CA ALA A 122 4.11 6.88 19.03
C ALA A 122 3.24 8.03 18.53
N LEU A 123 3.76 8.91 17.67
CA LEU A 123 2.96 10.05 17.15
C LEU A 123 1.77 9.54 16.33
N LEU A 124 2.04 8.67 15.36
CA LEU A 124 0.98 8.03 14.54
C LEU A 124 -0.04 7.35 15.45
N GLY A 125 0.42 6.54 16.40
CA GLY A 125 -0.46 5.91 17.39
C GLY A 125 -1.33 6.92 18.12
N SER A 126 -0.73 8.03 18.59
CA SER A 126 -1.48 9.07 19.35
C SER A 126 -2.63 9.68 18.49
N TYR A 127 -2.41 9.88 17.20
CA TYR A 127 -3.43 10.44 16.29
C TYR A 127 -4.55 9.39 16.11
N THR A 128 -4.19 8.13 15.94
CA THR A 128 -5.19 7.03 15.80
C THR A 128 -6.07 7.01 17.05
N VAL A 129 -5.45 7.04 18.22
CA VAL A 129 -6.24 7.01 19.48
C VAL A 129 -7.15 8.24 19.53
N GLN A 130 -6.63 9.42 19.21
CA GLN A 130 -7.44 10.66 19.24
C GLN A 130 -8.64 10.52 18.30
N SER A 131 -8.40 10.09 17.06
N SER A 131 -8.40 10.02 17.08
CA SER A 131 -9.47 9.87 16.06
CA SER A 131 -9.43 9.85 16.01
C SER A 131 -10.50 8.88 16.63
C SER A 131 -10.44 8.76 16.41
N GLU A 132 -10.04 7.78 17.23
CA GLU A 132 -10.95 6.65 17.60
C GLU A 132 -11.59 6.79 18.99
N LEU A 133 -10.90 7.29 20.00
CA LEU A 133 -11.48 7.45 21.37
C LEU A 133 -11.83 8.92 21.63
N GLY A 134 -11.28 9.86 20.87
CA GLY A 134 -11.41 11.29 21.19
C GLY A 134 -10.42 11.68 22.28
N ASP A 135 -10.79 12.69 23.08
CA ASP A 135 -9.87 13.31 24.06
C ASP A 135 -9.38 12.27 25.06
N TYR A 136 -8.12 12.40 25.43
CA TYR A 136 -7.47 11.63 26.51
C TYR A 136 -8.36 11.66 27.75
N ASP A 137 -8.61 10.48 28.32
CA ASP A 137 -9.27 10.34 29.64
C ASP A 137 -8.41 9.46 30.55
N PRO A 138 -7.98 10.00 31.72
CA PRO A 138 -7.18 9.22 32.67
C PRO A 138 -7.90 8.01 33.28
N ASP A 139 -9.24 8.02 33.24
CA ASP A 139 -10.11 7.02 33.91
C ASP A 139 -9.91 5.63 33.28
N GLU A 140 -9.58 5.59 31.98
CA GLU A 140 -9.37 4.35 31.20
C GLU A 140 -7.91 3.91 31.33
N CYS A 141 -6.97 4.86 31.36
CA CYS A 141 -5.51 4.63 31.31
C CYS A 141 -4.86 4.87 32.68
N GLY A 142 -4.42 3.79 33.34
CA GLY A 142 -3.55 3.86 34.53
C GLY A 142 -2.10 3.83 34.12
N SER A 143 -1.18 3.87 35.09
CA SER A 143 0.29 3.81 34.86
C SER A 143 0.64 2.52 34.12
N ASP A 144 -0.26 1.53 34.14
CA ASP A 144 -0.03 0.17 33.55
C ASP A 144 -0.89 -0.02 32.30
N TYR A 145 -1.30 1.06 31.64
CA TYR A 145 -2.19 0.99 30.43
C TYR A 145 -1.47 0.36 29.22
N ILE A 146 -2.16 -0.59 28.58
CA ILE A 146 -1.82 -1.14 27.23
C ILE A 146 -3.07 -1.06 26.32
N SER A 147 -2.97 -0.29 25.24
CA SER A 147 -4.07 -0.01 24.29
C SER A 147 -4.45 -1.30 23.56
N GLU A 148 -5.71 -1.41 23.16
CA GLU A 148 -6.16 -2.50 22.27
C GLU A 148 -5.55 -2.28 20.88
N PHE A 149 -5.18 -1.02 20.56
CA PHE A 149 -4.67 -0.65 19.23
C PHE A 149 -3.27 -1.23 19.15
N ARG A 150 -3.09 -1.88 18.03
CA ARG A 150 -1.83 -2.32 17.42
C ARG A 150 -1.26 -1.09 16.73
N PHE A 151 -0.10 -0.67 17.18
CA PHE A 151 0.68 0.51 16.72
C PHE A 151 1.96 0.14 16.00
N ALA A 152 2.50 -1.08 16.14
CA ALA A 152 3.89 -1.33 15.76
C ALA A 152 4.10 -2.82 15.57
N PRO A 153 5.14 -3.19 14.82
CA PRO A 153 5.46 -4.60 14.64
C PRO A 153 5.80 -5.25 15.98
N ASN A 154 6.39 -4.48 16.88
CA ASN A 154 6.74 -4.94 18.25
C ASN A 154 6.39 -3.85 19.25
N HIS A 155 5.48 -4.18 20.15
CA HIS A 155 4.99 -3.29 21.20
C HIS A 155 5.88 -3.38 22.44
N THR A 156 6.13 -2.25 23.06
CA THR A 156 6.85 -2.14 24.34
C THR A 156 6.04 -1.23 25.25
N LYS A 157 6.25 -1.37 26.55
CA LYS A 157 5.56 -0.50 27.52
C LYS A 157 6.00 0.95 27.24
N GLU A 158 7.26 1.16 26.88
CA GLU A 158 7.76 2.54 26.59
C GLU A 158 6.93 3.13 25.44
N LEU A 159 6.61 2.34 24.42
CA LEU A 159 5.87 2.89 23.26
C LEU A 159 4.45 3.22 23.71
N GLU A 160 3.83 2.37 24.51
CA GLU A 160 2.45 2.63 25.04
C GLU A 160 2.43 3.92 25.82
N ASP A 161 3.47 4.15 26.65
CA ASP A 161 3.56 5.37 27.46
C ASP A 161 3.67 6.60 26.56
N LYS A 162 4.46 6.49 25.51
CA LYS A 162 4.72 7.65 24.63
C LYS A 162 3.44 7.99 23.86
N VAL A 163 2.72 6.97 23.38
CA VAL A 163 1.38 7.19 22.74
C VAL A 163 0.50 8.01 23.69
N ILE A 164 0.42 7.64 24.95
CA ILE A 164 -0.48 8.31 25.93
C ILE A 164 0.01 9.74 26.13
N GLU A 165 1.33 9.94 26.28
CA GLU A 165 1.88 11.29 26.50
C GLU A 165 1.47 12.18 25.32
N LEU A 166 1.61 11.70 24.07
CA LEU A 166 1.28 12.52 22.89
C LEU A 166 -0.24 12.66 22.77
N HIS A 167 -0.99 11.64 23.15
CA HIS A 167 -2.47 11.70 23.08
C HIS A 167 -2.97 12.85 23.97
N LYS A 168 -2.35 13.03 25.12
CA LYS A 168 -2.76 14.14 26.03
C LYS A 168 -2.66 15.49 25.30
N SER A 169 -1.70 15.66 24.38
CA SER A 169 -1.42 16.96 23.72
C SER A 169 -2.52 17.25 22.68
N HIS A 170 -3.35 16.27 22.28
CA HIS A 170 -4.26 16.44 21.12
C HIS A 170 -5.70 16.83 21.55
N ARG A 171 -5.92 17.22 22.80
CA ARG A 171 -7.29 17.56 23.29
C ARG A 171 -7.99 18.51 22.30
N GLY A 172 -9.23 18.18 21.92
CA GLY A 172 -10.11 19.02 21.10
C GLY A 172 -9.99 18.69 19.62
N MET A 173 -9.09 17.76 19.28
CA MET A 173 -8.84 17.37 17.87
C MET A 173 -9.97 16.45 17.41
N THR A 174 -10.55 16.75 16.25
CA THR A 174 -11.64 15.96 15.66
C THR A 174 -11.02 14.81 14.87
N PRO A 175 -11.81 13.74 14.60
CA PRO A 175 -11.30 12.56 13.89
C PRO A 175 -10.64 12.92 12.57
N ALA A 176 -11.29 13.76 11.75
CA ALA A 176 -10.75 14.16 10.43
C ALA A 176 -9.43 14.88 10.62
N GLU A 177 -9.37 15.74 11.64
CA GLU A 177 -8.15 16.53 11.92
C GLU A 177 -6.98 15.59 12.30
N ALA A 178 -7.23 14.63 13.21
CA ALA A 178 -6.24 13.66 13.72
C ALA A 178 -5.78 12.78 12.53
N GLU A 179 -6.70 12.36 11.69
CA GLU A 179 -6.38 11.52 10.51
C GLU A 179 -5.49 12.34 9.55
N MET A 180 -5.80 13.61 9.33
CA MET A 180 -4.94 14.43 8.45
C MET A 180 -3.54 14.56 9.07
N HIS A 181 -3.42 14.77 10.38
CA HIS A 181 -2.07 14.81 11.03
C HIS A 181 -1.36 13.46 10.87
N PHE A 182 -2.10 12.38 11.02
CA PHE A 182 -1.52 11.03 10.87
C PHE A 182 -0.86 10.99 9.48
N LEU A 183 -1.61 11.40 8.47
CA LEU A 183 -1.18 11.30 7.07
C LEU A 183 -0.02 12.25 6.77
N GLU A 184 -0.04 13.45 7.34
CA GLU A 184 1.06 14.44 7.15
C GLU A 184 2.39 13.84 7.62
N ASN A 185 2.36 13.06 8.71
CA ASN A 185 3.58 12.37 9.23
C ASN A 185 3.89 11.14 8.38
N ALA A 186 2.90 10.29 8.09
CA ALA A 186 3.17 9.01 7.44
C ALA A 186 3.75 9.23 6.03
N LYS A 187 3.26 10.25 5.31
CA LYS A 187 3.60 10.51 3.88
C LYS A 187 5.09 10.83 3.78
N LYS A 188 5.74 11.20 4.87
CA LYS A 188 7.17 11.63 4.83
C LYS A 188 8.12 10.44 4.99
N LEU A 189 7.61 9.29 5.40
CA LEU A 189 8.46 8.13 5.73
C LEU A 189 9.07 7.63 4.43
N SER A 190 10.31 7.18 4.51
CA SER A 190 11.10 6.86 3.30
C SER A 190 10.46 5.68 2.56
N MET A 191 9.69 4.79 3.22
CA MET A 191 9.06 3.65 2.51
C MET A 191 7.55 3.87 2.32
N TYR A 192 7.02 5.08 2.53
CA TYR A 192 5.60 5.38 2.24
C TYR A 192 5.24 5.06 0.80
N GLY A 193 4.28 4.16 0.66
CA GLY A 193 3.68 3.78 -0.63
C GLY A 193 4.65 3.02 -1.52
N VAL A 194 5.72 2.47 -0.96
CA VAL A 194 6.73 1.74 -1.77
C VAL A 194 6.35 0.27 -1.77
N ASP A 195 6.11 -0.27 -2.97
CA ASP A 195 5.83 -1.71 -3.15
C ASP A 195 7.15 -2.40 -3.48
N LEU A 196 7.63 -3.31 -2.63
CA LEU A 196 8.98 -3.92 -2.74
C LEU A 196 8.91 -5.27 -3.44
N HIS A 197 9.79 -5.47 -4.40
CA HIS A 197 9.92 -6.75 -5.14
C HIS A 197 11.37 -7.24 -5.02
N HIS A 198 11.56 -8.48 -4.58
CA HIS A 198 12.87 -9.19 -4.58
C HIS A 198 13.35 -9.42 -6.02
N ALA A 199 14.61 -9.18 -6.28
CA ALA A 199 15.22 -9.35 -7.63
C ALA A 199 16.71 -9.56 -7.50
N LYS A 200 17.33 -9.95 -8.61
CA LYS A 200 18.80 -10.00 -8.76
C LYS A 200 19.16 -9.05 -9.87
N ASP A 201 20.30 -8.38 -9.73
CA ASP A 201 20.82 -7.52 -10.83
C ASP A 201 21.45 -8.44 -11.87
N SER A 202 22.01 -7.85 -12.93
CA SER A 202 22.65 -8.54 -14.07
C SER A 202 23.88 -9.36 -13.62
N GLU A 203 24.36 -9.18 -12.40
CA GLU A 203 25.52 -9.91 -11.84
C GLU A 203 25.06 -10.98 -10.83
N GLY A 204 23.75 -11.14 -10.61
CA GLY A 204 23.19 -12.12 -9.65
C GLY A 204 23.17 -11.64 -8.21
N VAL A 205 23.50 -10.36 -7.94
CA VAL A 205 23.51 -9.78 -6.58
C VAL A 205 22.06 -9.46 -6.22
N GLU A 206 21.65 -9.87 -5.01
CA GLU A 206 20.27 -9.71 -4.49
C GLU A 206 20.03 -8.21 -4.30
N ILE A 207 18.94 -7.71 -4.86
CA ILE A 207 18.49 -6.31 -4.70
C ILE A 207 17.01 -6.32 -4.36
N MET A 208 16.47 -5.15 -4.05
CA MET A 208 15.01 -4.94 -3.99
C MET A 208 14.67 -3.86 -5.00
N LEU A 209 13.57 -4.04 -5.71
CA LEU A 209 13.03 -2.97 -6.56
C LEU A 209 11.81 -2.38 -5.85
N GLY A 210 11.75 -1.07 -5.68
CA GLY A 210 10.58 -0.45 -5.05
C GLY A 210 9.82 0.32 -6.11
N VAL A 211 8.50 0.19 -6.10
CA VAL A 211 7.61 0.89 -7.06
C VAL A 211 6.77 1.89 -6.25
N CYS A 212 6.79 3.14 -6.65
CA CYS A 212 6.02 4.17 -5.92
C CYS A 212 5.71 5.32 -6.86
N ALA A 213 5.03 6.35 -6.36
CA ALA A 213 4.59 7.54 -7.13
C ALA A 213 5.76 8.18 -7.88
N SER A 214 6.92 8.29 -7.23
CA SER A 214 8.01 9.15 -7.75
C SER A 214 8.81 8.34 -8.78
N GLY A 215 8.78 7.01 -8.69
CA GLY A 215 9.38 6.20 -9.78
C GLY A 215 9.76 4.81 -9.32
N LEU A 216 10.86 4.32 -9.84
CA LEU A 216 11.38 2.99 -9.48
C LEU A 216 12.66 3.19 -8.65
N LEU A 217 12.76 2.48 -7.53
CA LEU A 217 13.93 2.55 -6.64
C LEU A 217 14.66 1.20 -6.76
N ILE A 218 15.98 1.22 -6.86
CA ILE A 218 16.80 -0.02 -6.81
C ILE A 218 17.60 0.08 -5.52
N TYR A 219 17.28 -0.77 -4.55
CA TYR A 219 18.06 -0.91 -3.30
C TYR A 219 19.18 -1.92 -3.58
N ARG A 220 20.38 -1.43 -3.87
N ARG A 220 20.39 -1.44 -3.84
CA ARG A 220 21.59 -2.26 -4.16
CA ARG A 220 21.58 -2.27 -4.19
C ARG A 220 22.25 -2.66 -2.84
C ARG A 220 22.31 -2.66 -2.89
N ASP A 221 22.53 -1.68 -1.99
CA ASP A 221 23.02 -1.87 -0.60
C ASP A 221 22.60 -0.64 0.22
N ARG A 222 23.05 -0.56 1.49
CA ARG A 222 22.65 0.54 2.41
C ARG A 222 23.24 1.87 1.94
N LEU A 223 24.34 1.84 1.16
CA LEU A 223 25.07 3.05 0.69
C LEU A 223 24.68 3.39 -0.76
N ARG A 224 24.02 2.47 -1.47
CA ARG A 224 23.75 2.59 -2.93
C ARG A 224 22.27 2.27 -3.21
N ILE A 225 21.47 3.32 -3.40
CA ILE A 225 20.04 3.25 -3.83
C ILE A 225 19.88 4.13 -5.08
N ASN A 226 19.71 3.49 -6.24
CA ASN A 226 19.48 4.17 -7.54
C ASN A 226 17.99 4.45 -7.68
N ARG A 227 17.63 5.66 -8.09
CA ARG A 227 16.22 6.13 -8.25
C ARG A 227 16.02 6.61 -9.69
N PHE A 228 14.96 6.13 -10.33
CA PHE A 228 14.62 6.48 -11.73
C PHE A 228 13.25 7.13 -11.66
N ALA A 229 13.21 8.46 -11.65
CA ALA A 229 11.94 9.22 -11.76
C ALA A 229 11.18 8.67 -12.97
N TRP A 230 9.86 8.55 -12.88
CA TRP A 230 9.03 7.97 -13.97
C TRP A 230 9.35 8.61 -15.32
N PRO A 231 9.56 9.94 -15.44
CA PRO A 231 9.80 10.51 -16.78
C PRO A 231 11.15 10.10 -17.40
N LYS A 232 12.09 9.59 -16.59
CA LYS A 232 13.39 9.03 -17.05
C LYS A 232 13.19 7.60 -17.59
N VAL A 233 12.03 6.99 -17.35
CA VAL A 233 11.72 5.59 -17.78
C VAL A 233 10.90 5.62 -19.07
N LEU A 234 11.42 5.08 -20.17
CA LEU A 234 10.74 5.17 -21.50
C LEU A 234 9.93 3.91 -21.80
N LYS A 235 10.46 2.74 -21.42
CA LYS A 235 9.77 1.46 -21.66
C LYS A 235 10.11 0.52 -20.51
N ILE A 236 9.10 -0.25 -20.12
CA ILE A 236 9.19 -1.34 -19.11
C ILE A 236 8.84 -2.63 -19.84
N SER A 237 9.59 -3.70 -19.65
CA SER A 237 9.30 -4.97 -20.37
C SER A 237 9.68 -6.17 -19.50
N TYR A 238 9.12 -7.33 -19.82
CA TYR A 238 9.52 -8.60 -19.19
C TYR A 238 9.74 -9.64 -20.30
N LYS A 239 10.59 -10.60 -20.02
CA LYS A 239 10.75 -11.77 -20.91
C LYS A 239 11.29 -12.90 -20.05
N ARG A 240 10.59 -14.03 -20.04
CA ARG A 240 10.92 -15.20 -19.19
C ARG A 240 10.95 -14.70 -17.74
N ASN A 241 12.08 -14.84 -17.04
CA ASN A 241 12.22 -14.48 -15.61
C ASN A 241 12.82 -13.07 -15.48
N ASN A 242 12.93 -12.35 -16.60
CA ASN A 242 13.72 -11.09 -16.64
C ASN A 242 12.80 -9.89 -16.77
N PHE A 243 13.21 -8.81 -16.11
CA PHE A 243 12.51 -7.51 -16.10
C PHE A 243 13.52 -6.47 -16.58
N TYR A 244 13.14 -5.65 -17.56
CA TYR A 244 14.04 -4.65 -18.19
C TYR A 244 13.40 -3.27 -18.08
N ILE A 245 14.20 -2.25 -17.75
CA ILE A 245 13.80 -0.84 -18.00
C ILE A 245 14.83 -0.16 -18.91
N LYS A 246 14.27 0.64 -19.80
CA LYS A 246 14.93 1.52 -20.81
C LYS A 246 15.00 2.93 -20.19
N ILE A 247 16.20 3.38 -19.75
CA ILE A 247 16.46 4.68 -19.05
C ILE A 247 16.96 5.71 -20.09
N ARG A 248 16.24 6.83 -20.20
CA ARG A 248 16.45 7.91 -21.21
C ARG A 248 17.93 8.24 -21.40
N PRO A 249 18.33 8.71 -22.60
CA PRO A 249 19.66 9.27 -22.77
C PRO A 249 19.53 10.61 -22.04
N GLY A 250 20.43 10.88 -21.09
CA GLY A 250 20.70 12.25 -20.63
C GLY A 250 20.91 13.17 -21.82
N GLU A 251 20.82 14.47 -21.61
CA GLU A 251 21.08 15.47 -22.68
C GLU A 251 22.38 15.08 -23.38
N PHE A 252 22.42 15.19 -24.71
CA PHE A 252 23.64 15.02 -25.54
C PHE A 252 24.11 13.56 -25.53
N GLU A 253 23.27 12.61 -25.12
CA GLU A 253 23.66 11.17 -25.24
C GLU A 253 22.94 10.59 -26.47
N GLN A 254 23.61 9.69 -27.17
CA GLN A 254 23.10 9.19 -28.47
C GLN A 254 21.97 8.17 -28.20
N PHE A 255 22.08 7.38 -27.10
CA PHE A 255 21.29 6.14 -26.86
C PHE A 255 20.82 6.00 -25.41
N GLU A 256 19.56 5.58 -25.29
CA GLU A 256 18.93 4.92 -24.10
C GLU A 256 19.89 3.90 -23.44
N SER A 257 19.84 3.72 -22.11
CA SER A 257 20.57 2.65 -21.38
C SER A 257 19.57 1.54 -20.96
N THR A 258 20.04 0.30 -20.79
CA THR A 258 19.16 -0.84 -20.37
C THR A 258 19.72 -1.45 -19.10
N ILE A 259 18.82 -1.60 -18.14
CA ILE A 259 19.09 -2.25 -16.83
C ILE A 259 18.16 -3.46 -16.79
N GLY A 260 18.76 -4.62 -16.59
CA GLY A 260 18.07 -5.91 -16.55
C GLY A 260 18.07 -6.44 -15.15
N PHE A 261 16.97 -7.10 -14.78
CA PHE A 261 16.83 -7.76 -13.48
C PHE A 261 16.29 -9.18 -13.68
N LYS A 262 16.72 -10.05 -12.78
CA LYS A 262 16.29 -11.45 -12.68
C LYS A 262 15.23 -11.52 -11.59
N LEU A 263 14.03 -11.97 -11.93
CA LEU A 263 12.96 -12.17 -10.91
C LEU A 263 12.90 -13.65 -10.58
N PRO A 264 12.36 -13.99 -9.39
CA PRO A 264 12.27 -15.37 -8.91
C PRO A 264 11.68 -16.35 -9.94
N ASN A 265 10.73 -15.89 -10.75
CA ASN A 265 10.03 -16.73 -11.76
C ASN A 265 9.30 -15.78 -12.71
N HIS A 266 8.68 -16.33 -13.74
CA HIS A 266 8.08 -15.56 -14.85
C HIS A 266 6.88 -14.77 -14.34
N ARG A 267 6.13 -15.35 -13.40
CA ARG A 267 4.92 -14.69 -12.87
C ARG A 267 5.35 -13.47 -12.07
N ALA A 268 6.42 -13.57 -11.29
CA ALA A 268 6.96 -12.44 -10.50
C ALA A 268 7.47 -11.35 -11.46
N ALA A 269 8.04 -11.69 -12.62
CA ALA A 269 8.48 -10.67 -13.61
C ALA A 269 7.24 -9.97 -14.17
N LYS A 270 6.20 -10.71 -14.52
CA LYS A 270 4.99 -10.13 -15.14
C LYS A 270 4.30 -9.19 -14.12
N ARG A 271 4.17 -9.63 -12.88
CA ARG A 271 3.55 -8.87 -11.75
C ARG A 271 4.29 -7.53 -11.59
N LEU A 272 5.61 -7.57 -11.54
CA LEU A 272 6.44 -6.34 -11.39
C LEU A 272 6.19 -5.42 -12.59
N TRP A 273 6.26 -5.95 -13.82
CA TRP A 273 5.96 -5.17 -15.04
C TRP A 273 4.59 -4.50 -14.90
N LYS A 274 3.52 -5.23 -14.52
CA LYS A 274 2.16 -4.64 -14.54
C LYS A 274 2.03 -3.53 -13.46
N VAL A 275 2.56 -3.75 -12.26
CA VAL A 275 2.51 -2.69 -11.18
C VAL A 275 3.31 -1.47 -11.62
N CYS A 276 4.41 -1.64 -12.35
CA CYS A 276 5.21 -0.49 -12.85
C CYS A 276 4.41 0.29 -13.90
N VAL A 277 3.87 -0.40 -14.90
CA VAL A 277 3.02 0.26 -15.96
C VAL A 277 1.89 1.03 -15.26
N GLU A 278 1.21 0.40 -14.31
CA GLU A 278 0.04 1.04 -13.66
C GLU A 278 0.50 2.29 -12.89
N HIS A 279 1.61 2.20 -12.15
CA HIS A 279 2.16 3.35 -11.39
C HIS A 279 2.57 4.45 -12.37
N HIS A 280 3.24 4.09 -13.45
CA HIS A 280 3.72 5.07 -14.48
C HIS A 280 2.51 5.83 -15.02
N THR A 281 1.46 5.11 -15.38
CA THR A 281 0.20 5.70 -15.93
C THR A 281 -0.44 6.61 -14.87
N PHE A 282 -0.64 6.09 -13.67
CA PHE A 282 -1.36 6.80 -12.61
C PHE A 282 -0.64 8.09 -12.28
N PHE A 283 0.68 8.01 -12.10
CA PHE A 283 1.45 9.13 -11.53
C PHE A 283 1.90 10.07 -12.66
N ARG A 284 1.80 9.65 -13.92
CA ARG A 284 1.85 10.55 -15.11
C ARG A 284 0.61 11.48 -15.17
N LEU A 285 -0.54 11.05 -14.63
CA LEU A 285 -1.83 11.80 -14.76
C LEU A 285 -2.07 12.70 -13.55
N LEU A 286 -1.49 12.37 -12.39
CA LEU A 286 -1.74 13.12 -11.12
C LEU A 286 -1.13 14.51 -11.26
N1 WGS B . 18.01 -3.65 1.22
C4 WGS B . 18.35 -4.75 0.45
C5 WGS B . 17.10 -3.72 2.36
C6 WGS B . 15.84 -2.81 2.34
C7 WGS B . 15.52 -2.21 0.97
C8 WGS B . 14.10 -1.60 1.02
C10 WGS B . 14.59 -3.57 2.81
N WGS B . 17.80 -5.99 0.75
C WGS B . 19.28 -4.62 -0.63
O WGS B . 13.66 -1.37 2.35
C1 WGS B . 19.64 -5.74 -1.36
C2 WGS B . 19.09 -6.98 -1.04
C3 WGS B . 18.19 -7.06 0.00
C9 WGS B . 13.51 -2.53 3.13
F WGS B . 19.78 -3.43 -0.95
S DMS C . -6.60 -6.48 7.39
O DMS C . -6.12 -5.16 6.83
C1 DMS C . -5.15 -7.54 7.47
C2 DMS C . -6.84 -6.24 9.13
S DMS D . 9.53 8.16 -1.33
O DMS D . 10.06 8.60 -0.01
C1 DMS D . 8.10 7.18 -0.96
C2 DMS D . 10.61 6.87 -1.89
C1 EDO E . -15.99 16.16 2.87
O1 EDO E . -15.28 15.02 3.35
C2 EDO E . -15.22 17.43 3.02
O2 EDO E . -13.81 17.28 3.12
C1 EDO F . -0.45 -5.13 1.40
O1 EDO F . -1.55 -5.58 2.16
C2 EDO F . -0.82 -4.14 0.36
O2 EDO F . -1.63 -4.67 -0.67
C1 EDO G . 6.65 -4.76 1.92
O1 EDO G . 7.58 -5.73 1.54
C2 EDO G . 6.68 -3.52 1.12
O2 EDO G . 6.34 -3.70 -0.22
C1 EDO H . -5.56 -2.60 15.63
O1 EDO H . -6.09 -2.60 16.94
C2 EDO H . -5.07 -1.26 15.26
O2 EDO H . -4.15 -1.12 14.15
C1 EDO I . 3.60 -23.06 -12.02
O1 EDO I . 2.72 -24.15 -11.79
C2 EDO I . 2.99 -21.72 -11.77
O2 EDO I . 2.76 -20.98 -12.94
C1 EDO J . 3.18 -0.98 1.43
O1 EDO J . 2.28 -2.05 1.63
C2 EDO J . 3.11 -0.45 0.05
O2 EDO J . 2.83 -1.52 -0.86
#